data_4PV5
#
_entry.id   4PV5
#
_cell.length_a   41.825
_cell.length_b   64.819
_cell.length_c   63.483
_cell.angle_alpha   90.00
_cell.angle_beta   104.09
_cell.angle_gamma   90.00
#
_symmetry.space_group_name_H-M   'P 1 21 1'
#
loop_
_entity.id
_entity.type
_entity.pdbx_description
1 polymer 'Lactoylglutathione lyase'
2 non-polymer 'ZINC ION'
3 non-polymer '(3BETA,5BETA,14BETA)-3-HYDROXY-11-OXOOLEAN-12-EN-29-OIC ACID'
4 water water
#
_entity_poly.entity_id   1
_entity_poly.type   'polypeptide(L)'
_entity_poly.pdbx_seq_one_letter_code
;AEPQPASSGLTDETAFSCCSDPDPSTKDFLLQQTMLRIKDPKKSLDFYTRVLGLTLLQKLDFPAMKFSLYFLAYEDKNDI
PKDKSEKTAWTFSRKATLELTHNWGTEDDETQSYHNGNSDPRGFGHIGIAVPDVYSACKRFEELGVKFVKKPDDGKMKGL
AFIQDPDGYWIEILNPNKIATII
;
_entity_poly.pdbx_strand_id   A,B
#
loop_
_chem_comp.id
_chem_comp.type
_chem_comp.name
_chem_comp.formula
CBW non-polymer '(3BETA,5BETA,14BETA)-3-HYDROXY-11-OXOOLEAN-12-EN-29-OIC ACID' 'C30 H46 O4'
ZN non-polymer 'ZINC ION' 'Zn 2'
#
# COMPACT_ATOMS: atom_id res chain seq x y z
N ASP A 12 28.12 -1.97 -2.72
CA ASP A 12 27.05 -1.24 -3.40
C ASP A 12 27.44 0.21 -3.62
N GLU A 13 27.31 0.68 -4.85
CA GLU A 13 27.60 2.07 -5.17
C GLU A 13 26.41 2.97 -4.88
N THR A 14 25.29 2.36 -4.46
CA THR A 14 24.17 3.10 -3.88
C THR A 14 24.53 3.56 -2.47
N ALA A 15 25.82 3.56 -2.17
CA ALA A 15 26.36 3.81 -0.84
C ALA A 15 26.04 5.20 -0.31
N PHE A 16 25.86 6.14 -1.23
CA PHE A 16 25.60 7.51 -0.86
C PHE A 16 24.12 7.87 -1.02
N SER A 17 23.34 6.96 -1.60
CA SER A 17 21.93 7.23 -1.91
C SER A 17 20.99 7.27 -0.71
N CYS A 18 21.46 6.78 0.45
CA CYS A 18 20.61 6.66 1.63
C CYS A 18 20.81 7.75 2.67
N CYS A 19 20.04 8.83 2.52
CA CYS A 19 20.08 9.97 3.44
C CYS A 19 19.81 9.53 4.87
N SER A 20 20.87 9.41 5.66
CA SER A 20 20.71 9.17 7.08
C SER A 20 20.32 10.50 7.68
N ASP A 21 19.56 10.46 8.76
CA ASP A 21 19.06 11.68 9.38
C ASP A 21 18.27 12.50 8.37
N PRO A 22 16.99 12.17 8.23
CA PRO A 22 16.11 12.93 7.34
C PRO A 22 15.88 14.32 7.90
N ASP A 23 15.68 15.27 7.00
CA ASP A 23 15.31 16.62 7.35
C ASP A 23 14.19 16.57 8.37
N PRO A 24 14.31 17.37 9.42
CA PRO A 24 13.31 17.30 10.50
C PRO A 24 11.92 17.84 10.12
N SER A 25 11.76 18.40 8.94
CA SER A 25 10.44 18.84 8.53
C SER A 25 9.60 17.63 8.14
N THR A 26 10.27 16.49 7.94
CA THR A 26 9.60 15.26 7.56
C THR A 26 9.40 14.32 8.73
N LYS A 27 9.69 14.80 9.93
CA LYS A 27 9.69 13.95 11.12
C LYS A 27 8.30 13.43 11.51
N ASP A 28 7.25 14.14 11.13
CA ASP A 28 5.92 13.64 11.49
C ASP A 28 5.23 13.00 10.33
N PHE A 29 5.95 12.80 9.22
CA PHE A 29 5.39 12.15 8.04
C PHE A 29 5.04 10.72 8.36
N LEU A 30 4.03 10.20 7.70
CA LEU A 30 3.50 8.91 8.08
C LEU A 30 2.93 8.22 6.85
N LEU A 31 3.34 6.97 6.62
CA LEU A 31 2.88 6.20 5.47
C LEU A 31 1.43 5.73 5.70
N GLN A 32 0.50 6.51 5.18
CA GLN A 32 -0.91 6.35 5.56
C GLN A 32 -1.69 5.32 4.75
N GLN A 33 -1.41 5.23 3.45
CA GLN A 33 -2.26 4.42 2.60
C GLN A 33 -1.58 3.75 1.42
N THR A 34 -2.16 2.64 0.96
CA THR A 34 -1.85 2.07 -0.37
C THR A 34 -3.17 2.00 -1.08
N MET A 35 -3.25 2.50 -2.31
CA MET A 35 -4.53 2.55 -3.03
C MET A 35 -4.57 1.51 -4.13
N LEU A 36 -5.66 0.75 -4.16
CA LEU A 36 -5.90 -0.24 -5.20
C LEU A 36 -7.31 -0.02 -5.72
N ARG A 37 -7.46 -0.12 -7.04
CA ARG A 37 -8.77 -0.03 -7.67
C ARG A 37 -9.47 -1.38 -7.60
N ILE A 38 -10.75 -1.38 -7.24
CA ILE A 38 -11.48 -2.66 -7.12
C ILE A 38 -12.72 -2.70 -7.98
N LYS A 39 -12.90 -3.81 -8.69
CA LYS A 39 -14.06 -3.97 -9.58
C LYS A 39 -15.38 -4.03 -8.82
N ASP A 40 -15.38 -4.69 -7.67
CA ASP A 40 -16.63 -5.01 -7.01
C ASP A 40 -16.41 -5.12 -5.53
N PRO A 41 -16.76 -4.05 -4.80
CA PRO A 41 -16.57 -3.97 -3.35
C PRO A 41 -17.36 -4.98 -2.54
N LYS A 42 -18.36 -5.64 -3.11
CA LYS A 42 -19.08 -6.64 -2.31
C LYS A 42 -18.13 -7.80 -2.05
N LYS A 43 -17.49 -8.23 -3.13
CA LYS A 43 -16.46 -9.25 -3.05
C LYS A 43 -15.29 -8.76 -2.25
N SER A 44 -14.83 -7.55 -2.53
CA SER A 44 -13.56 -7.09 -1.96
C SER A 44 -13.69 -6.91 -0.45
N LEU A 45 -14.78 -6.27 -0.04
CA LEU A 45 -15.08 -6.07 1.37
C LEU A 45 -15.23 -7.41 2.08
N ASP A 46 -16.00 -8.33 1.47
CA ASP A 46 -16.09 -9.64 2.07
C ASP A 46 -14.70 -10.26 2.29
N PHE A 47 -13.88 -10.20 1.25
CA PHE A 47 -12.57 -10.82 1.31
C PHE A 47 -11.65 -10.23 2.37
N TYR A 48 -11.51 -8.91 2.36
CA TYR A 48 -10.58 -8.26 3.29
C TYR A 48 -11.05 -8.34 4.73
N THR A 49 -12.37 -8.29 4.96
CA THR A 49 -12.82 -8.39 6.35
C THR A 49 -12.89 -9.85 6.82
N ARG A 50 -13.74 -10.64 6.18
CA ARG A 50 -13.97 -12.00 6.64
C ARG A 50 -12.75 -12.93 6.51
N VAL A 51 -12.08 -12.91 5.37
CA VAL A 51 -10.91 -13.79 5.18
C VAL A 51 -9.66 -13.26 5.89
N LEU A 52 -9.33 -12.00 5.64
CA LEU A 52 -8.08 -11.41 6.10
C LEU A 52 -8.15 -10.68 7.44
N GLY A 53 -9.35 -10.36 7.91
CA GLY A 53 -9.50 -9.83 9.25
C GLY A 53 -9.29 -8.35 9.43
N LEU A 54 -9.30 -7.61 8.33
CA LEU A 54 -9.23 -6.15 8.46
C LEU A 54 -10.61 -5.58 8.82
N THR A 55 -10.63 -4.31 9.20
CA THR A 55 -11.88 -3.63 9.53
C THR A 55 -12.13 -2.53 8.54
N LEU A 56 -13.40 -2.35 8.15
CA LEU A 56 -13.76 -1.21 7.33
C LEU A 56 -13.77 0.04 8.19
N LEU A 57 -12.85 0.96 7.93
CA LEU A 57 -12.79 2.18 8.72
C LEU A 57 -13.87 3.18 8.30
N GLN A 58 -13.96 3.40 7.01
CA GLN A 58 -14.82 4.45 6.51
C GLN A 58 -15.15 4.25 5.04
N LYS A 59 -16.40 4.57 4.70
CA LYS A 59 -16.87 4.53 3.33
C LYS A 59 -17.14 5.98 2.95
N LEU A 60 -16.50 6.43 1.88
CA LEU A 60 -16.69 7.80 1.44
C LEU A 60 -17.20 7.77 0.01
N ASP A 61 -18.26 8.52 -0.28
CA ASP A 61 -18.84 8.55 -1.63
C ASP A 61 -18.64 9.90 -2.34
N PHE A 62 -18.38 9.83 -3.64
CA PHE A 62 -18.24 11.02 -4.49
C PHE A 62 -19.14 10.92 -5.72
N PRO A 63 -20.41 11.35 -5.56
CA PRO A 63 -21.45 11.36 -6.60
C PRO A 63 -21.06 12.16 -7.82
N ALA A 64 -20.56 13.38 -7.63
CA ALA A 64 -20.18 14.23 -8.75
C ALA A 64 -19.16 13.50 -9.63
N MET A 65 -18.32 12.70 -8.99
CA MET A 65 -17.22 12.04 -9.69
C MET A 65 -17.45 10.54 -9.88
N LYS A 66 -18.55 10.03 -9.35
CA LYS A 66 -18.96 8.63 -9.53
C LYS A 66 -17.98 7.58 -8.99
N PHE A 67 -17.44 7.82 -7.80
CA PHE A 67 -16.61 6.79 -7.20
C PHE A 67 -16.78 6.73 -5.71
N SER A 68 -16.39 5.62 -5.09
CA SER A 68 -16.35 5.54 -3.64
C SER A 68 -14.98 5.07 -3.20
N LEU A 69 -14.64 5.35 -1.96
CA LEU A 69 -13.40 4.91 -1.37
C LEU A 69 -13.75 4.13 -0.12
N TYR A 70 -13.10 2.98 0.03
CA TYR A 70 -13.28 2.15 1.20
C TYR A 70 -11.95 2.01 1.88
N PHE A 71 -11.84 2.57 3.08
CA PHE A 71 -10.61 2.44 3.83
C PHE A 71 -10.69 1.27 4.77
N LEU A 72 -9.74 0.35 4.63
CA LEU A 72 -9.63 -0.81 5.52
C LEU A 72 -8.32 -0.77 6.25
N ALA A 73 -8.31 -1.25 7.50
CA ALA A 73 -7.08 -1.34 8.24
C ALA A 73 -7.20 -2.40 9.33
N TYR A 74 -6.08 -2.72 9.96
CA TYR A 74 -6.13 -3.57 11.15
C TYR A 74 -6.30 -2.65 12.35
N GLU A 75 -7.56 -2.42 12.70
CA GLU A 75 -7.97 -1.52 13.75
C GLU A 75 -9.20 -2.11 14.41
N ASP A 76 -9.33 -1.88 15.71
CA ASP A 76 -10.50 -2.26 16.49
C ASP A 76 -11.67 -1.39 16.03
N LYS A 77 -12.80 -1.99 15.67
CA LYS A 77 -13.92 -1.19 15.19
C LYS A 77 -14.37 -0.19 16.26
N ASN A 78 -14.14 -0.52 17.53
CA ASN A 78 -14.58 0.32 18.65
C ASN A 78 -13.83 1.64 18.78
N ASP A 79 -12.67 1.73 18.14
CA ASP A 79 -11.90 2.99 18.14
C ASP A 79 -12.36 3.98 17.08
N ILE A 80 -13.30 3.60 16.23
CA ILE A 80 -13.71 4.50 15.14
C ILE A 80 -14.74 5.51 15.62
N PRO A 81 -14.39 6.81 15.62
CA PRO A 81 -15.41 7.82 15.90
C PRO A 81 -16.62 7.67 14.97
N LYS A 82 -17.83 7.85 15.50
CA LYS A 82 -19.06 7.73 14.71
C LYS A 82 -19.34 8.95 13.82
N ASP A 83 -19.01 10.13 14.34
CA ASP A 83 -19.22 11.37 13.60
C ASP A 83 -18.33 11.50 12.36
N LYS A 84 -18.95 11.84 11.22
CA LYS A 84 -18.27 11.92 9.93
C LYS A 84 -16.94 12.70 9.90
N SER A 85 -16.90 13.86 10.57
CA SER A 85 -15.67 14.65 10.59
C SER A 85 -14.59 14.05 11.49
N GLU A 86 -15.01 13.57 12.65
CA GLU A 86 -14.09 12.92 13.58
C GLU A 86 -13.60 11.63 12.95
N LYS A 87 -14.52 10.85 12.40
CA LYS A 87 -14.20 9.63 11.68
C LYS A 87 -13.19 9.89 10.57
N THR A 88 -13.46 10.86 9.72
CA THR A 88 -12.57 11.17 8.60
C THR A 88 -11.17 11.50 9.10
N ALA A 89 -11.12 12.39 10.11
CA ALA A 89 -9.82 12.77 10.66
C ALA A 89 -9.07 11.57 11.25
N TRP A 90 -9.81 10.63 11.83
CA TRP A 90 -9.20 9.48 12.48
C TRP A 90 -8.65 8.50 11.42
N THR A 91 -9.55 8.06 10.53
CA THR A 91 -9.23 7.25 9.37
C THR A 91 -7.97 7.73 8.66
N PHE A 92 -7.92 9.01 8.29
CA PHE A 92 -6.77 9.48 7.51
C PHE A 92 -5.49 9.71 8.31
N SER A 93 -5.51 9.40 9.60
CA SER A 93 -4.30 9.50 10.39
C SER A 93 -3.84 8.13 10.87
N ARG A 94 -4.56 7.09 10.48
CA ARG A 94 -4.10 5.72 10.74
C ARG A 94 -2.97 5.35 9.81
N LYS A 95 -2.09 4.52 10.34
CA LYS A 95 -0.92 4.05 9.64
C LYS A 95 -1.33 2.79 8.91
N ALA A 96 -0.77 2.57 7.74
CA ALA A 96 -0.94 1.31 7.03
C ALA A 96 -2.39 0.96 6.71
N THR A 97 -3.10 1.86 6.04
CA THR A 97 -4.45 1.57 5.54
C THR A 97 -4.42 1.15 4.05
N LEU A 98 -5.46 0.44 3.62
CA LEU A 98 -5.70 0.08 2.23
C LEU A 98 -6.85 0.94 1.80
N GLU A 99 -6.68 1.64 0.69
CA GLU A 99 -7.73 2.49 0.14
C GLU A 99 -8.19 1.79 -1.12
N LEU A 100 -9.39 1.23 -1.07
CA LEU A 100 -9.90 0.53 -2.22
C LEU A 100 -10.85 1.48 -2.93
N THR A 101 -10.55 1.78 -4.19
CA THR A 101 -11.33 2.76 -4.97
C THR A 101 -12.28 2.02 -5.89
N HIS A 102 -13.53 2.43 -5.85
CA HIS A 102 -14.58 1.84 -6.67
C HIS A 102 -15.15 2.85 -7.64
N ASN A 103 -14.85 2.68 -8.93
CA ASN A 103 -15.51 3.46 -9.96
C ASN A 103 -16.87 2.84 -10.25
N TRP A 104 -17.93 3.59 -10.03
CA TRP A 104 -19.27 3.01 -10.09
C TRP A 104 -19.53 2.27 -11.40
N GLY A 105 -20.17 1.11 -11.29
CA GLY A 105 -20.57 0.35 -12.46
C GLY A 105 -19.65 -0.77 -12.90
N THR A 106 -18.38 -0.73 -12.51
CA THR A 106 -17.46 -1.76 -12.98
C THR A 106 -17.90 -3.20 -12.66
N GLU A 107 -18.65 -3.38 -11.56
CA GLU A 107 -19.17 -4.69 -11.20
C GLU A 107 -20.21 -5.23 -12.19
N ASP A 108 -20.80 -4.38 -13.02
CA ASP A 108 -21.79 -4.83 -14.00
C ASP A 108 -21.26 -4.76 -15.41
N ASP A 109 -20.01 -4.31 -15.56
CA ASP A 109 -19.34 -4.28 -16.86
C ASP A 109 -18.56 -5.59 -17.07
N GLU A 110 -19.18 -6.53 -17.77
CA GLU A 110 -18.62 -7.85 -18.04
C GLU A 110 -17.29 -7.82 -18.78
N THR A 111 -16.94 -6.68 -19.37
CA THR A 111 -15.72 -6.57 -20.14
C THR A 111 -14.60 -5.84 -19.40
N GLN A 112 -14.87 -5.40 -18.18
CA GLN A 112 -13.87 -4.63 -17.43
C GLN A 112 -13.16 -5.49 -16.39
N SER A 113 -11.86 -5.27 -16.26
CA SER A 113 -11.09 -5.85 -15.17
C SER A 113 -9.83 -5.03 -14.93
N TYR A 114 -9.32 -5.06 -13.70
CA TYR A 114 -8.09 -4.34 -13.39
C TYR A 114 -6.88 -5.24 -13.56
N HIS A 115 -5.71 -4.63 -13.59
CA HIS A 115 -4.47 -5.34 -13.85
C HIS A 115 -3.65 -5.36 -12.58
N ASN A 116 -3.04 -6.51 -12.26
CA ASN A 116 -2.36 -6.64 -10.96
C ASN A 116 -0.88 -6.23 -10.91
N GLY A 117 -0.30 -5.84 -12.05
CA GLY A 117 1.06 -5.33 -12.05
C GLY A 117 2.14 -6.39 -12.19
N ASN A 118 1.74 -7.65 -12.18
CA ASN A 118 2.70 -8.75 -12.19
C ASN A 118 2.99 -9.42 -13.54
N SER A 119 2.33 -8.93 -14.59
CA SER A 119 2.64 -9.30 -15.96
C SER A 119 2.75 -8.03 -16.81
N ASP A 120 3.21 -8.16 -18.04
CA ASP A 120 3.34 -7.01 -18.95
C ASP A 120 2.04 -6.18 -19.02
N PRO A 121 2.07 -4.89 -18.60
CA PRO A 121 3.18 -4.10 -18.05
C PRO A 121 3.30 -4.14 -16.52
N ARG A 122 4.50 -4.44 -16.05
CA ARG A 122 4.73 -4.61 -14.62
C ARG A 122 4.93 -3.29 -13.85
N GLY A 123 4.69 -3.30 -12.54
CA GLY A 123 4.98 -2.14 -11.72
C GLY A 123 4.83 -2.48 -10.25
N PHE A 124 3.67 -2.12 -9.71
CA PHE A 124 3.23 -2.62 -8.41
C PHE A 124 3.32 -4.14 -8.41
N GLY A 125 3.73 -4.70 -7.30
CA GLY A 125 3.83 -6.15 -7.20
C GLY A 125 2.81 -6.74 -6.25
N HIS A 126 2.80 -6.27 -5.02
CA HIS A 126 1.94 -6.86 -3.99
C HIS A 126 1.95 -6.04 -2.72
N ILE A 127 0.90 -6.19 -1.94
CA ILE A 127 0.96 -5.79 -0.54
C ILE A 127 1.32 -7.05 0.23
N GLY A 128 1.57 -6.92 1.52
CA GLY A 128 2.07 -8.06 2.26
C GLY A 128 1.63 -8.05 3.69
N ILE A 129 1.21 -9.22 4.18
CA ILE A 129 0.64 -9.37 5.51
C ILE A 129 1.46 -10.31 6.41
N ALA A 130 1.93 -9.77 7.52
CA ALA A 130 2.72 -10.55 8.46
C ALA A 130 1.82 -11.30 9.44
N VAL A 131 2.02 -12.61 9.54
CA VAL A 131 1.24 -13.46 10.45
C VAL A 131 2.11 -14.26 11.42
N PRO A 132 1.53 -14.70 12.56
CA PRO A 132 2.22 -15.61 13.48
C PRO A 132 2.63 -16.94 12.84
N ASP A 133 1.76 -17.49 12.03
CA ASP A 133 1.93 -18.87 11.58
C ASP A 133 1.42 -19.00 10.15
N VAL A 134 2.33 -18.83 9.19
CA VAL A 134 2.02 -18.93 7.77
C VAL A 134 1.21 -20.18 7.43
N TYR A 135 1.60 -21.32 7.99
CA TYR A 135 0.93 -22.57 7.65
C TYR A 135 -0.54 -22.66 8.08
N SER A 136 -0.85 -22.28 9.32
CA SER A 136 -2.24 -22.39 9.74
C SER A 136 -3.12 -21.31 9.11
N ALA A 137 -2.52 -20.14 8.87
CA ALA A 137 -3.21 -19.06 8.16
C ALA A 137 -3.56 -19.56 6.78
N CYS A 138 -2.61 -20.20 6.12
CA CYS A 138 -2.85 -20.65 4.75
C CYS A 138 -3.77 -21.86 4.69
N LYS A 139 -3.80 -22.67 5.74
CA LYS A 139 -4.72 -23.79 5.76
C LYS A 139 -6.14 -23.27 5.91
N ARG A 140 -6.29 -22.28 6.80
CA ARG A 140 -7.58 -21.60 6.92
C ARG A 140 -7.95 -20.97 5.57
N PHE A 141 -6.95 -20.41 4.89
CA PHE A 141 -7.22 -19.78 3.59
C PHE A 141 -7.74 -20.81 2.61
N GLU A 142 -7.10 -21.98 2.58
N GLU A 142 -7.10 -21.99 2.55
CA GLU A 142 -7.52 -23.08 1.72
CA GLU A 142 -7.58 -23.04 1.64
C GLU A 142 -8.97 -23.45 2.01
C GLU A 142 -9.01 -23.46 1.99
N GLU A 143 -9.28 -23.64 3.27
CA GLU A 143 -10.64 -24.02 3.69
C GLU A 143 -11.70 -23.01 3.25
N LEU A 144 -11.31 -21.74 3.19
CA LEU A 144 -12.23 -20.68 2.74
C LEU A 144 -12.21 -20.43 1.23
N GLY A 145 -11.70 -21.39 0.45
CA GLY A 145 -11.63 -21.26 -0.98
C GLY A 145 -10.82 -20.09 -1.54
N VAL A 146 -9.85 -19.59 -0.79
CA VAL A 146 -8.93 -18.58 -1.29
C VAL A 146 -8.02 -19.13 -2.41
N LYS A 147 -7.89 -18.37 -3.50
CA LYS A 147 -7.00 -18.76 -4.60
C LYS A 147 -5.56 -18.38 -4.28
N PHE A 148 -4.65 -19.33 -4.44
CA PHE A 148 -3.25 -19.06 -4.15
C PHE A 148 -2.48 -18.77 -5.43
N VAL A 149 -1.52 -17.87 -5.36
CA VAL A 149 -0.57 -17.73 -6.45
C VAL A 149 0.60 -18.63 -6.11
N LYS A 150 0.93 -18.71 -4.82
CA LYS A 150 1.97 -19.63 -4.35
C LYS A 150 1.64 -20.24 -3.00
N LYS A 151 1.50 -21.56 -2.96
CA LYS A 151 1.30 -22.26 -1.70
C LYS A 151 2.58 -22.19 -0.88
N PRO A 152 2.48 -22.23 0.45
CA PRO A 152 3.68 -22.11 1.30
C PRO A 152 4.74 -23.16 0.98
N ASP A 153 4.35 -24.28 0.40
CA ASP A 153 5.29 -25.35 0.07
C ASP A 153 5.58 -25.55 -1.41
N ASP A 154 5.75 -24.45 -2.16
CA ASP A 154 6.23 -24.52 -3.53
C ASP A 154 7.53 -23.72 -3.66
N GLY A 155 8.56 -24.31 -4.28
CA GLY A 155 9.75 -23.56 -4.66
C GLY A 155 10.83 -23.42 -3.59
N LYS A 156 11.83 -22.59 -3.88
CA LYS A 156 12.92 -22.34 -2.95
C LYS A 156 12.40 -21.75 -1.63
N MET A 157 11.53 -20.76 -1.72
CA MET A 157 10.95 -20.19 -0.52
C MET A 157 9.82 -21.05 0.05
N LYS A 158 10.11 -21.75 1.14
CA LYS A 158 9.13 -22.53 1.88
C LYS A 158 8.70 -21.71 3.09
N GLY A 159 7.47 -21.89 3.52
CA GLY A 159 6.94 -21.11 4.63
C GLY A 159 6.56 -19.70 4.22
N LEU A 160 6.43 -19.49 2.91
CA LEU A 160 6.03 -18.20 2.36
C LEU A 160 4.98 -18.36 1.26
N ALA A 161 3.86 -17.65 1.38
CA ALA A 161 2.79 -17.80 0.40
C ALA A 161 2.39 -16.48 -0.22
N PHE A 162 1.83 -16.55 -1.41
CA PHE A 162 1.11 -15.43 -2.02
C PHE A 162 -0.30 -15.86 -2.35
N ILE A 163 -1.27 -15.08 -1.92
CA ILE A 163 -2.66 -15.33 -2.31
C ILE A 163 -3.16 -14.20 -3.22
N GLN A 164 -4.36 -14.36 -3.76
CA GLN A 164 -4.95 -13.29 -4.56
C GLN A 164 -6.29 -12.81 -4.04
N ASP A 165 -6.53 -11.51 -4.10
CA ASP A 165 -7.83 -10.97 -3.68
C ASP A 165 -8.83 -11.15 -4.85
N PRO A 166 -10.08 -10.69 -4.70
CA PRO A 166 -11.04 -10.83 -5.81
C PRO A 166 -10.65 -10.15 -7.13
N ASP A 167 -9.76 -9.17 -7.12
CA ASP A 167 -9.33 -8.56 -8.37
C ASP A 167 -8.07 -9.25 -8.87
N GLY A 168 -7.53 -10.18 -8.10
CA GLY A 168 -6.29 -10.83 -8.45
C GLY A 168 -5.02 -10.11 -7.99
N TYR A 169 -5.16 -9.07 -7.17
CA TYR A 169 -3.97 -8.45 -6.60
C TYR A 169 -3.26 -9.48 -5.70
N TRP A 170 -1.93 -9.50 -5.77
CA TRP A 170 -1.14 -10.46 -5.00
C TRP A 170 -0.95 -9.95 -3.57
N ILE A 171 -1.05 -10.87 -2.61
CA ILE A 171 -0.91 -10.55 -1.20
C ILE A 171 0.06 -11.54 -0.59
N GLU A 172 1.21 -11.04 -0.15
CA GLU A 172 2.19 -11.93 0.47
C GLU A 172 1.78 -12.32 1.89
N ILE A 173 1.87 -13.60 2.18
CA ILE A 173 1.65 -14.10 3.52
C ILE A 173 2.98 -14.60 4.05
N LEU A 174 3.50 -13.89 5.04
CA LEU A 174 4.84 -14.17 5.55
C LEU A 174 4.89 -14.23 7.06
N ASN A 175 5.94 -14.86 7.57
CA ASN A 175 6.30 -14.71 8.96
C ASN A 175 7.66 -14.05 9.06
N PRO A 176 7.72 -12.92 9.75
CA PRO A 176 8.94 -12.10 9.82
C PRO A 176 10.11 -12.82 10.47
N ASN A 177 9.86 -13.88 11.25
CA ASN A 177 10.94 -14.62 11.89
C ASN A 177 11.44 -15.78 11.05
N LYS A 178 10.88 -15.95 9.86
CA LYS A 178 11.20 -17.07 8.99
C LYS A 178 11.90 -16.62 7.72
N ILE A 179 11.73 -15.36 7.35
CA ILE A 179 12.59 -14.76 6.36
C ILE A 179 13.96 -14.64 7.04
N ALA A 180 13.90 -14.36 8.34
CA ALA A 180 15.09 -14.29 9.19
C ALA A 180 16.03 -15.45 8.88
N THR A 181 15.48 -16.65 8.75
CA THR A 181 16.23 -17.79 8.26
C THR A 181 16.45 -17.68 6.74
N GLU B 2 -34.28 0.11 -1.76
CA GLU B 2 -33.10 0.90 -1.45
C GLU B 2 -31.74 0.41 -2.01
N PRO B 3 -31.67 -0.82 -2.57
CA PRO B 3 -30.39 -1.08 -3.23
C PRO B 3 -30.21 -0.22 -4.49
N GLN B 4 -29.13 0.58 -4.51
CA GLN B 4 -28.91 1.62 -5.54
C GLN B 4 -28.78 1.10 -6.98
N PRO B 5 -29.28 1.89 -7.97
CA PRO B 5 -29.33 1.61 -9.42
C PRO B 5 -28.12 0.91 -10.08
N ALA B 6 -27.05 0.61 -9.32
CA ALA B 6 -25.89 -0.14 -9.83
C ALA B 6 -25.08 0.59 -10.91
N SER B 7 -25.46 1.83 -11.19
CA SER B 7 -24.61 2.77 -11.92
C SER B 7 -24.45 3.93 -10.95
N SER B 8 -24.73 3.63 -9.68
CA SER B 8 -24.79 4.62 -8.63
C SER B 8 -24.01 4.19 -7.40
N GLY B 9 -23.38 3.03 -7.47
CA GLY B 9 -22.55 2.61 -6.35
C GLY B 9 -23.35 2.04 -5.20
N LEU B 10 -22.65 1.55 -4.18
CA LEU B 10 -23.29 0.83 -3.08
C LEU B 10 -23.91 1.78 -2.07
N THR B 11 -25.06 1.38 -1.53
CA THR B 11 -25.55 2.03 -0.33
C THR B 11 -24.65 1.62 0.81
N ASP B 12 -24.68 2.41 1.86
CA ASP B 12 -24.02 2.07 3.11
C ASP B 12 -24.45 0.71 3.61
N GLU B 13 -25.73 0.40 3.46
CA GLU B 13 -26.25 -0.88 3.96
C GLU B 13 -25.70 -2.10 3.25
N THR B 14 -25.68 -2.05 1.93
CA THR B 14 -25.14 -3.16 1.14
C THR B 14 -23.69 -3.35 1.56
N ALA B 15 -22.96 -2.25 1.57
CA ALA B 15 -21.53 -2.23 1.83
C ALA B 15 -21.23 -2.82 3.20
N PHE B 16 -21.83 -2.24 4.23
CA PHE B 16 -21.60 -2.67 5.58
C PHE B 16 -21.99 -4.13 5.76
N SER B 17 -23.05 -4.55 5.08
CA SER B 17 -23.49 -5.91 5.26
C SER B 17 -22.58 -6.88 4.52
N CYS B 18 -21.69 -6.36 3.67
CA CYS B 18 -20.65 -7.23 3.13
C CYS B 18 -19.44 -7.39 4.06
N CYS B 19 -19.52 -6.80 5.25
CA CYS B 19 -18.42 -6.85 6.20
C CYS B 19 -18.66 -7.82 7.38
N SER B 20 -17.68 -8.66 7.66
CA SER B 20 -17.73 -9.55 8.82
C SER B 20 -16.70 -9.13 9.86
N ASP B 21 -17.01 -9.35 11.14
CA ASP B 21 -16.04 -9.08 12.18
C ASP B 21 -14.89 -10.06 12.04
N PRO B 22 -13.70 -9.65 12.44
CA PRO B 22 -12.56 -10.52 12.11
C PRO B 22 -12.45 -11.78 12.98
N ASP B 23 -12.19 -12.89 12.31
CA ASP B 23 -11.88 -14.14 12.98
C ASP B 23 -10.72 -13.94 13.95
N PRO B 24 -10.83 -14.49 15.16
CA PRO B 24 -9.81 -14.16 16.15
C PRO B 24 -8.45 -14.77 15.84
N SER B 25 -8.38 -15.70 14.90
CA SER B 25 -7.08 -16.19 14.46
C SER B 25 -6.34 -15.17 13.60
N THR B 26 -7.03 -14.12 13.17
CA THR B 26 -6.37 -13.06 12.41
C THR B 26 -6.00 -11.86 13.28
N LYS B 27 -6.18 -11.98 14.59
CA LYS B 27 -5.65 -10.95 15.49
C LYS B 27 -4.14 -11.07 15.29
N ASP B 28 -3.42 -10.00 15.59
CA ASP B 28 -1.97 -9.98 15.39
C ASP B 28 -1.51 -9.95 13.93
N PHE B 29 -2.42 -10.16 12.98
CA PHE B 29 -2.09 -9.94 11.56
C PHE B 29 -1.72 -8.47 11.35
N LEU B 30 -0.76 -8.22 10.47
CA LEU B 30 -0.17 -6.91 10.31
C LEU B 30 -0.08 -6.58 8.82
N LEU B 31 -0.44 -5.36 8.41
CA LEU B 31 -0.22 -4.95 7.03
C LEU B 31 1.20 -4.44 6.96
N GLN B 32 2.09 -5.29 6.46
CA GLN B 32 3.52 -5.09 6.64
C GLN B 32 4.19 -4.34 5.49
N GLN B 33 3.81 -4.63 4.25
CA GLN B 33 4.57 -4.09 3.13
C GLN B 33 3.72 -3.78 1.88
N THR B 34 4.22 -2.84 1.08
CA THR B 34 3.72 -2.59 -0.27
C THR B 34 4.92 -2.65 -1.18
N MET B 35 4.89 -3.53 -2.18
CA MET B 35 6.01 -3.70 -3.11
C MET B 35 5.81 -2.92 -4.41
N LEU B 36 6.84 -2.18 -4.80
CA LEU B 36 6.92 -1.47 -6.08
C LEU B 36 8.22 -1.82 -6.79
N ARG B 37 8.15 -2.01 -8.12
CA ARG B 37 9.34 -2.28 -8.92
C ARG B 37 10.03 -0.99 -9.31
N ILE B 38 11.34 -0.91 -9.11
CA ILE B 38 12.06 0.33 -9.39
C ILE B 38 13.17 0.19 -10.46
N LYS B 39 13.20 1.12 -11.40
CA LYS B 39 14.18 1.06 -12.47
C LYS B 39 15.63 1.33 -12.01
N ASP B 40 15.79 2.21 -11.02
CA ASP B 40 17.12 2.70 -10.65
C ASP B 40 17.21 2.95 -9.16
N PRO B 41 17.88 2.06 -8.41
CA PRO B 41 17.86 2.15 -6.94
C PRO B 41 18.54 3.39 -6.36
N LYS B 42 19.39 4.06 -7.13
CA LYS B 42 20.04 5.27 -6.62
C LYS B 42 19.03 6.41 -6.56
N LYS B 43 18.41 6.69 -7.71
CA LYS B 43 17.38 7.70 -7.81
C LYS B 43 16.29 7.45 -6.77
N SER B 44 15.94 6.18 -6.61
CA SER B 44 14.80 5.80 -5.76
C SER B 44 15.13 5.87 -4.27
N LEU B 45 16.28 5.35 -3.87
CA LEU B 45 16.64 5.42 -2.47
C LEU B 45 16.82 6.88 -2.07
N ASP B 46 17.43 7.67 -2.95
CA ASP B 46 17.60 9.09 -2.66
C ASP B 46 16.26 9.80 -2.56
N PHE B 47 15.33 9.43 -3.43
CA PHE B 47 14.02 10.06 -3.37
C PHE B 47 13.32 9.73 -2.07
N TYR B 48 13.26 8.44 -1.72
CA TYR B 48 12.50 8.07 -0.53
C TYR B 48 13.17 8.46 0.79
N THR B 49 14.50 8.47 0.86
CA THR B 49 15.16 8.80 2.12
C THR B 49 15.34 10.30 2.30
N ARG B 50 15.98 10.95 1.33
CA ARG B 50 16.28 12.37 1.45
C ARG B 50 15.09 13.29 1.24
N VAL B 51 14.34 13.06 0.18
CA VAL B 51 13.15 13.87 -0.06
C VAL B 51 12.02 13.57 0.95
N LEU B 52 11.63 12.30 1.04
CA LEU B 52 10.43 11.93 1.79
C LEU B 52 10.71 11.60 3.24
N GLY B 53 11.97 11.36 3.55
CA GLY B 53 12.32 11.21 4.95
C GLY B 53 12.13 9.82 5.51
N LEU B 54 12.04 8.81 4.65
CA LEU B 54 11.97 7.43 5.15
C LEU B 54 13.37 6.94 5.47
N THR B 55 13.42 5.92 6.32
CA THR B 55 14.67 5.30 6.74
C THR B 55 14.85 3.97 6.01
N LEU B 56 16.01 3.76 5.40
CA LEU B 56 16.29 2.45 4.82
C LEU B 56 16.51 1.42 5.91
N LEU B 57 15.52 0.57 6.13
CA LEU B 57 15.59 -0.48 7.13
C LEU B 57 16.57 -1.57 6.74
N GLN B 58 16.48 -2.03 5.49
CA GLN B 58 17.30 -3.19 5.12
C GLN B 58 17.38 -3.39 3.62
N LYS B 59 18.49 -3.95 3.16
CA LYS B 59 18.62 -4.37 1.78
C LYS B 59 18.85 -5.88 1.73
N LEU B 60 18.17 -6.57 0.83
CA LEU B 60 18.37 -7.99 0.61
C LEU B 60 18.86 -8.23 -0.81
N ASP B 61 19.83 -9.12 -0.96
CA ASP B 61 20.43 -9.42 -2.26
C ASP B 61 20.12 -10.82 -2.77
N PHE B 62 19.78 -10.91 -4.05
CA PHE B 62 19.50 -12.20 -4.67
C PHE B 62 20.31 -12.30 -5.96
N PRO B 63 21.60 -12.66 -5.81
CA PRO B 63 22.60 -12.67 -6.88
C PRO B 63 22.29 -13.72 -7.93
N ALA B 64 21.69 -14.83 -7.50
CA ALA B 64 21.29 -15.89 -8.43
C ALA B 64 20.23 -15.35 -9.35
N MET B 65 19.17 -14.82 -8.76
CA MET B 65 18.01 -14.37 -9.53
C MET B 65 18.20 -12.94 -10.02
N LYS B 66 19.37 -12.39 -9.75
CA LYS B 66 19.76 -11.05 -10.23
C LYS B 66 18.82 -9.92 -9.83
N PHE B 67 18.48 -9.84 -8.55
CA PHE B 67 17.67 -8.71 -8.08
C PHE B 67 17.90 -8.36 -6.62
N SER B 68 17.61 -7.11 -6.26
CA SER B 68 17.68 -6.71 -4.85
C SER B 68 16.35 -6.11 -4.34
N LEU B 69 16.14 -6.25 -3.02
CA LEU B 69 14.98 -5.69 -2.34
C LEU B 69 15.42 -4.61 -1.34
N TYR B 70 14.80 -3.44 -1.40
CA TYR B 70 15.08 -2.39 -0.42
C TYR B 70 13.84 -2.14 0.46
N PHE B 71 14.01 -2.24 1.77
CA PHE B 71 12.93 -2.03 2.73
C PHE B 71 13.09 -0.73 3.49
N LEU B 72 12.12 0.17 3.28
CA LEU B 72 12.06 1.50 3.86
C LEU B 72 10.82 1.73 4.71
N ALA B 73 10.94 2.56 5.74
CA ALA B 73 9.82 2.86 6.62
C ALA B 73 10.09 4.10 7.48
N TYR B 74 9.03 4.71 8.00
CA TYR B 74 9.20 5.80 8.97
C TYR B 74 9.49 5.18 10.33
N GLU B 75 10.79 4.96 10.57
CA GLU B 75 11.31 4.31 11.76
C GLU B 75 12.62 4.99 12.17
N ASP B 76 12.94 4.95 13.46
CA ASP B 76 14.18 5.51 13.99
C ASP B 76 15.32 4.57 13.69
N LYS B 77 16.38 5.07 13.04
CA LYS B 77 17.53 4.22 12.69
C LYS B 77 18.14 3.56 13.92
N ASN B 78 18.03 4.24 15.06
CA ASN B 78 18.56 3.71 16.31
C ASN B 78 17.62 2.67 16.93
N ASP B 79 16.75 2.11 16.10
CA ASP B 79 15.93 0.97 16.47
C ASP B 79 16.32 -0.24 15.64
N ILE B 80 17.00 0.00 14.51
CA ILE B 80 17.45 -1.05 13.60
C ILE B 80 18.51 -1.95 14.25
N PRO B 81 18.18 -3.23 14.48
CA PRO B 81 19.16 -4.16 15.06
C PRO B 81 20.44 -4.26 14.23
N LYS B 82 21.56 -4.54 14.88
CA LYS B 82 22.85 -4.69 14.19
C LYS B 82 23.00 -6.09 13.62
N ASP B 83 22.64 -7.07 14.45
CA ASP B 83 22.68 -8.48 14.12
C ASP B 83 21.80 -8.80 12.90
N LYS B 84 22.30 -9.63 11.97
CA LYS B 84 21.58 -9.94 10.72
C LYS B 84 20.17 -10.52 10.88
N SER B 85 20.07 -11.69 11.52
CA SER B 85 18.77 -12.33 11.74
C SER B 85 17.82 -11.41 12.52
N GLU B 86 18.35 -10.81 13.59
CA GLU B 86 17.65 -9.86 14.44
C GLU B 86 17.04 -8.74 13.58
N LYS B 87 17.89 -8.14 12.76
CA LYS B 87 17.53 -7.06 11.86
C LYS B 87 16.41 -7.47 10.90
N THR B 88 16.50 -8.66 10.34
CA THR B 88 15.47 -9.12 9.43
C THR B 88 14.12 -9.32 10.13
N ALA B 89 14.10 -10.02 11.27
CA ALA B 89 12.85 -10.18 12.02
C ALA B 89 12.22 -8.81 12.35
N TRP B 90 13.05 -7.85 12.73
CA TRP B 90 12.54 -6.53 13.03
C TRP B 90 11.93 -5.85 11.80
N THR B 91 12.77 -5.62 10.79
CA THR B 91 12.31 -5.07 9.51
C THR B 91 10.99 -5.64 9.06
N PHE B 92 10.90 -6.97 9.06
CA PHE B 92 9.70 -7.63 8.56
C PHE B 92 8.56 -7.67 9.57
N SER B 93 8.81 -7.16 10.77
CA SER B 93 7.68 -6.96 11.68
C SER B 93 7.27 -5.49 11.79
N ARG B 94 7.88 -4.62 11.00
CA ARG B 94 7.44 -3.23 10.96
C ARG B 94 6.15 -3.08 10.17
N LYS B 95 5.30 -2.19 10.64
CA LYS B 95 4.05 -1.86 9.99
C LYS B 95 4.35 -0.83 8.92
N ALA B 96 3.53 -0.82 7.87
CA ALA B 96 3.56 0.28 6.90
C ALA B 96 4.92 0.45 6.25
N THR B 97 5.44 -0.64 5.72
CA THR B 97 6.75 -0.64 5.08
C THR B 97 6.65 -0.60 3.54
N LEU B 98 7.67 -0.07 2.90
CA LEU B 98 7.75 0.02 1.46
C LEU B 98 8.91 -0.83 0.94
N GLU B 99 8.57 -1.80 0.08
CA GLU B 99 9.54 -2.72 -0.49
C GLU B 99 9.76 -2.30 -1.94
N LEU B 100 10.99 -1.98 -2.29
CA LEU B 100 11.35 -1.64 -3.66
C LEU B 100 12.19 -2.75 -4.29
N THR B 101 11.71 -3.26 -5.42
CA THR B 101 12.37 -4.36 -6.13
C THR B 101 13.16 -3.89 -7.34
N HIS B 102 14.48 -3.97 -7.26
CA HIS B 102 15.37 -3.63 -8.39
C HIS B 102 15.81 -4.88 -9.15
N ASN B 103 15.38 -4.98 -10.40
CA ASN B 103 15.89 -6.02 -11.30
C ASN B 103 17.13 -5.50 -11.97
N TRP B 104 18.23 -6.23 -11.84
CA TRP B 104 19.53 -5.72 -12.26
C TRP B 104 19.56 -5.39 -13.74
N GLY B 105 20.05 -4.20 -14.06
CA GLY B 105 20.25 -3.79 -15.44
C GLY B 105 19.23 -2.81 -15.95
N THR B 106 18.10 -2.71 -15.25
CA THR B 106 17.03 -1.84 -15.75
C THR B 106 17.46 -0.37 -15.82
N GLU B 107 18.43 0.02 -15.01
CA GLU B 107 18.88 1.42 -15.02
C GLU B 107 19.57 1.83 -16.33
N ASP B 108 20.22 0.87 -16.99
CA ASP B 108 20.97 1.12 -18.22
C ASP B 108 20.11 0.95 -19.47
N ASP B 109 18.88 0.50 -19.25
CA ASP B 109 18.00 0.11 -20.31
C ASP B 109 17.12 1.29 -20.70
N GLU B 110 17.52 2.04 -21.71
CA GLU B 110 16.77 3.23 -22.08
C GLU B 110 15.43 2.83 -22.68
N THR B 111 15.30 1.55 -22.97
CA THR B 111 14.09 1.01 -23.58
C THR B 111 13.08 0.62 -22.50
N GLN B 112 13.54 0.57 -21.26
CA GLN B 112 12.73 0.03 -20.17
C GLN B 112 12.12 1.08 -19.24
N SER B 113 10.83 0.93 -18.95
CA SER B 113 10.13 1.72 -17.95
C SER B 113 9.01 0.92 -17.27
N TYR B 114 8.78 1.16 -15.98
CA TYR B 114 7.67 0.50 -15.29
C TYR B 114 6.35 1.26 -15.43
N HIS B 115 5.25 0.53 -15.42
CA HIS B 115 3.93 1.14 -15.55
C HIS B 115 3.32 1.49 -14.17
N ASN B 116 2.85 2.72 -13.99
CA ASN B 116 2.41 3.20 -12.67
C ASN B 116 0.96 2.90 -12.29
N GLY B 117 0.24 2.19 -13.15
CA GLY B 117 -1.11 1.77 -12.84
C GLY B 117 -2.19 2.80 -13.06
N ASN B 118 -1.81 4.04 -13.38
CA ASN B 118 -2.82 5.08 -13.59
C ASN B 118 -3.17 5.38 -15.04
N SER B 119 -2.66 4.59 -15.98
CA SER B 119 -3.20 4.55 -17.35
C SER B 119 -3.42 3.10 -17.72
N ASP B 120 -4.16 2.87 -18.79
CA ASP B 120 -4.49 1.50 -19.17
C ASP B 120 -3.23 0.65 -19.34
N PRO B 121 -3.23 -0.56 -18.75
CA PRO B 121 -4.30 -1.12 -17.92
C PRO B 121 -4.16 -0.65 -16.47
N ARG B 122 -5.24 -0.16 -15.89
CA ARG B 122 -5.17 0.41 -14.54
C ARG B 122 -5.29 -0.63 -13.42
N GLY B 123 -4.87 -0.24 -12.23
CA GLY B 123 -4.92 -1.11 -11.08
C GLY B 123 -4.51 -0.37 -9.84
N PHE B 124 -3.29 -0.64 -9.37
CA PHE B 124 -2.67 0.13 -8.31
C PHE B 124 -2.77 1.60 -8.68
N GLY B 125 -3.06 2.44 -7.69
CA GLY B 125 -3.13 3.87 -7.95
C GLY B 125 -1.98 4.69 -7.37
N HIS B 126 -1.69 4.49 -6.10
CA HIS B 126 -0.72 5.32 -5.40
C HIS B 126 -0.55 4.87 -3.97
N ILE B 127 0.52 5.35 -3.36
CA ILE B 127 0.65 5.31 -1.92
C ILE B 127 0.44 6.74 -1.45
N GLY B 128 0.24 6.94 -0.15
CA GLY B 128 -0.01 8.27 0.33
C GLY B 128 0.65 8.51 1.65
N ILE B 129 1.17 9.72 1.82
CA ILE B 129 1.80 10.11 3.06
C ILE B 129 0.96 11.19 3.74
N ALA B 130 0.77 11.02 5.03
CA ALA B 130 0.07 12.01 5.83
C ALA B 130 1.11 12.94 6.42
N VAL B 131 0.91 14.25 6.21
CA VAL B 131 1.83 15.28 6.67
C VAL B 131 1.07 16.35 7.48
N PRO B 132 1.77 17.08 8.37
CA PRO B 132 1.04 18.08 9.14
C PRO B 132 0.71 19.35 8.35
N ASP B 133 1.31 19.53 7.18
CA ASP B 133 1.08 20.76 6.42
C ASP B 133 1.39 20.50 4.96
N VAL B 134 0.36 20.35 4.14
CA VAL B 134 0.56 20.02 2.73
C VAL B 134 1.32 21.12 2.01
N TYR B 135 0.95 22.36 2.26
CA TYR B 135 1.59 23.48 1.58
C TYR B 135 3.07 23.64 1.92
N SER B 136 3.46 23.45 3.19
CA SER B 136 4.88 23.59 3.51
C SER B 136 5.73 22.42 2.95
N ALA B 137 5.24 21.20 3.14
CA ALA B 137 5.86 20.01 2.54
C ALA B 137 6.04 20.14 1.03
N CYS B 138 4.99 20.55 0.34
CA CYS B 138 5.03 20.70 -1.11
C CYS B 138 5.92 21.83 -1.55
N LYS B 139 6.03 22.87 -0.73
CA LYS B 139 6.92 23.98 -1.06
C LYS B 139 8.35 23.45 -1.03
N ARG B 140 8.67 22.69 0.00
CA ARG B 140 9.98 22.06 0.05
C ARG B 140 10.22 21.08 -1.12
N PHE B 141 9.22 20.26 -1.43
CA PHE B 141 9.30 19.34 -2.58
C PHE B 141 9.62 20.10 -3.86
N GLU B 142 8.98 21.25 -4.05
CA GLU B 142 9.27 22.09 -5.21
C GLU B 142 10.71 22.57 -5.16
N GLU B 143 11.14 23.02 -3.99
CA GLU B 143 12.51 23.48 -3.83
C GLU B 143 13.52 22.37 -4.13
N LEU B 144 13.14 21.13 -3.85
CA LEU B 144 14.05 19.99 -4.02
C LEU B 144 13.99 19.34 -5.40
N GLY B 145 13.16 19.86 -6.29
CA GLY B 145 13.15 19.37 -7.66
C GLY B 145 12.16 18.25 -7.93
N VAL B 146 11.27 17.98 -6.98
CA VAL B 146 10.25 16.95 -7.15
C VAL B 146 9.26 17.31 -8.25
N LYS B 147 8.82 16.30 -9.01
CA LYS B 147 7.81 16.49 -10.04
C LYS B 147 6.43 16.21 -9.48
N PHE B 148 5.47 17.01 -9.91
CA PHE B 148 4.12 16.98 -9.36
C PHE B 148 3.12 16.47 -10.38
N VAL B 149 2.11 15.75 -9.89
CA VAL B 149 1.00 15.34 -10.71
C VAL B 149 -0.06 16.40 -10.49
N LYS B 150 -0.32 16.70 -9.23
CA LYS B 150 -1.28 17.73 -8.86
C LYS B 150 -0.71 18.58 -7.72
N LYS B 151 -0.55 19.88 -7.98
CA LYS B 151 -0.14 20.84 -6.97
C LYS B 151 -1.26 20.98 -5.96
N PRO B 152 -0.92 21.35 -4.72
CA PRO B 152 -1.91 21.49 -3.64
C PRO B 152 -3.08 22.44 -3.98
N ASP B 153 -2.82 23.51 -4.72
CA ASP B 153 -3.86 24.49 -5.01
C ASP B 153 -4.64 24.23 -6.30
N ASP B 154 -4.14 23.34 -7.15
CA ASP B 154 -4.86 23.02 -8.41
C ASP B 154 -6.16 22.29 -8.11
N GLY B 155 -7.14 22.47 -8.99
CA GLY B 155 -8.36 21.69 -8.93
C GLY B 155 -9.32 22.09 -7.82
N LYS B 156 -10.35 21.28 -7.63
CA LYS B 156 -11.37 21.54 -6.63
C LYS B 156 -10.84 21.18 -5.25
N MET B 157 -10.15 20.04 -5.19
CA MET B 157 -9.59 19.57 -3.94
C MET B 157 -8.36 20.40 -3.58
N LYS B 158 -8.57 21.56 -2.94
CA LYS B 158 -7.45 22.37 -2.48
C LYS B 158 -6.90 21.73 -1.22
N GLY B 159 -5.57 21.68 -1.12
CA GLY B 159 -4.94 21.27 0.12
C GLY B 159 -4.57 19.82 0.13
N LEU B 160 -4.65 19.21 -1.05
CA LEU B 160 -4.21 17.84 -1.21
C LEU B 160 -3.37 17.79 -2.48
N ALA B 161 -2.24 17.08 -2.45
CA ALA B 161 -1.35 17.01 -3.60
C ALA B 161 -0.96 15.58 -4.01
N PHE B 162 -0.50 15.46 -5.26
CA PHE B 162 0.11 14.23 -5.75
C PHE B 162 1.43 14.55 -6.39
N ILE B 163 2.49 13.86 -5.97
CA ILE B 163 3.80 13.99 -6.61
C ILE B 163 4.19 12.65 -7.24
N GLN B 164 5.19 12.66 -8.12
CA GLN B 164 5.70 11.41 -8.67
C GLN B 164 7.01 11.01 -8.02
N ASP B 165 7.27 9.71 -7.92
CA ASP B 165 8.59 9.24 -7.53
C ASP B 165 9.42 9.05 -8.82
N PRO B 166 10.71 8.68 -8.71
CA PRO B 166 11.47 8.65 -9.98
C PRO B 166 11.02 7.58 -10.98
N ASP B 167 10.17 6.63 -10.58
CA ASP B 167 9.60 5.68 -11.54
C ASP B 167 8.23 6.08 -12.06
N GLY B 168 7.75 7.25 -11.66
CA GLY B 168 6.46 7.73 -12.09
C GLY B 168 5.32 7.37 -11.15
N TYR B 169 5.60 6.54 -10.16
CA TYR B 169 4.58 6.15 -9.18
C TYR B 169 4.01 7.37 -8.47
N TRP B 170 2.69 7.38 -8.26
CA TRP B 170 2.06 8.53 -7.63
C TRP B 170 2.11 8.40 -6.13
N ILE B 171 2.27 9.54 -5.48
CA ILE B 171 2.29 9.62 -4.03
C ILE B 171 1.40 10.77 -3.59
N GLU B 172 0.34 10.42 -2.88
CA GLU B 172 -0.57 11.41 -2.35
C GLU B 172 0.05 12.02 -1.12
N ILE B 173 -0.14 13.33 -0.99
CA ILE B 173 0.31 14.10 0.17
C ILE B 173 -0.92 14.74 0.79
N LEU B 174 -1.21 14.43 2.04
CA LEU B 174 -2.47 14.85 2.64
C LEU B 174 -2.32 15.22 4.10
N ASN B 175 -3.24 16.06 4.55
CA ASN B 175 -3.30 16.50 5.94
C ASN B 175 -4.57 15.96 6.55
N PRO B 176 -4.44 14.98 7.46
CA PRO B 176 -5.63 14.32 8.03
C PRO B 176 -6.61 15.28 8.72
N ASN B 177 -6.11 16.39 9.24
CA ASN B 177 -6.96 17.35 9.93
C ASN B 177 -7.62 18.34 8.98
N LYS B 178 -7.49 18.10 7.69
CA LYS B 178 -7.96 19.08 6.71
C LYS B 178 -8.73 18.39 5.62
N ILE B 179 -8.68 17.06 5.59
CA ILE B 179 -9.36 16.26 4.57
C ILE B 179 -10.88 16.46 4.56
N ALA B 180 -11.48 16.52 5.74
CA ALA B 180 -12.94 16.61 5.82
C ALA B 180 -13.47 17.91 5.21
N THR B 181 -12.64 18.95 5.26
CA THR B 181 -12.95 20.23 4.63
C THR B 181 -12.96 20.08 3.11
N ILE B 182 -12.01 19.30 2.62
CA ILE B 182 -11.74 19.16 1.20
C ILE B 182 -12.80 18.33 0.47
N ILE B 183 -13.11 17.16 1.03
CA ILE B 183 -13.99 16.18 0.39
C ILE B 183 -15.28 16.74 -0.24
ZN ZN C . -5.53 7.88 -1.94
C1 CBW D . 6.79 -18.40 -9.71
C2 CBW D . 7.60 -19.68 -9.88
C3 CBW D . 7.19 -20.73 -8.87
C4 CBW D . 7.42 -20.27 -7.41
C5 CBW D . 7.75 -18.75 -7.41
C6 CBW D . 8.00 -18.15 -6.03
C7 CBW D . 8.85 -16.88 -6.18
C8 CBW D . 8.18 -15.81 -7.04
C9 CBW D . 7.65 -16.43 -8.38
C10 CBW D . 6.86 -17.80 -8.30
C11 CBW D . 6.99 -15.35 -9.23
C12 CBW D . 7.55 -14.00 -9.13
C13 CBW D . 8.55 -13.64 -8.30
C14 CBW D . 9.23 -14.69 -7.43
C15 CBW D . 9.83 -14.08 -6.14
C16 CBW D . 10.42 -12.70 -6.32
C17 CBW D . 9.41 -11.69 -6.87
C18 CBW D . 8.95 -12.16 -8.28
C19 CBW D . 5.42 -17.64 -7.77
C20 CBW D . 9.96 -11.81 -9.39
C21 CBW D . 10.31 -10.31 -9.49
C22 CBW D . 9.78 -9.57 -8.25
C23 CBW D . 10.07 -10.31 -6.96
C24 CBW D . 6.21 -20.69 -6.57
C25 CBW D . 8.63 -21.02 -6.85
C26 CBW D . 7.04 -15.19 -6.21
C27 CBW D . 10.39 -15.25 -8.25
C28 CBW D . 8.20 -11.60 -5.92
C33 CBW D . 9.65 -9.60 -10.66
C34 CBW D . 11.83 -10.16 -9.59
O3 CBW D . 5.84 -21.11 -9.09
O11 CBW D . 6.04 -15.56 -9.96
O34 CBW D . 8.90 -10.33 -11.44
O35 CBW D . 9.82 -8.40 -10.81
ZN ZN E . 7.30 -8.53 -0.76
#